data_7A6D
#
_entry.id   7A6D
#
_cell.length_a   127.868
_cell.length_b   127.868
_cell.length_c   115.189
_cell.angle_alpha   90.000
_cell.angle_beta   90.000
_cell.angle_gamma   120.000
#
_symmetry.space_group_name_H-M   'P 65 2 2'
#
loop_
_entity.id
_entity.type
_entity.pdbx_description
1 polymer 'Queuine tRNA-ribosyltransferase'
2 non-polymer 'ZINC ION'
3 non-polymer GLYCEROL
4 non-polymer 1,2-ETHANEDIOL
5 non-polymer trans-4,4-difluorocyclopentane-1,2-diol
6 non-polymer (1~{R},2~{R})-4,4-bis(fluoranyl)cyclopentane-1,2-diol
7 water water
#
_entity_poly.entity_id   1
_entity_poly.type   'polypeptide(L)'
_entity_poly.pdbx_seq_one_letter_code
;GSMVEATAQETDRPRFSFSIAAREGKARTGTIEMKRGVIRTPAFMPVGTAATVKALKPETVRATGADIILGNTYHLMLRP
GAERIAKLGGLHSFMGWDRPILTDSGGYQVMSLSSLTKQSEEGVTFKSHLDGSRHMLSPERSIEIQHLLGSDIVMAFDES
TPYPATPSRAASSMERSMRWAKRSRDAFDSRKEQAENAALFGIQQGSVFENLRQQSADALAEIGFDGYAVGGLAVGEGQD
EMFRVLDFSVPMLPDDKPHYLMGVGKPDDIVGAVERGIDMFDSVLPTRSGRNGQAFTWDGPINIRNARFSEDLKPLDSEC
HCAVCQKWSRACIHALIRAGEILGAMLMTEHNIAFYQQLMQKIRDSISEGRFSQFAQDFRARYFARNS
;
_entity_poly.pdbx_strand_id   A
#
# COMPACT_ATOMS: atom_id res chain seq x y z
N ASP A 12 17.32 18.78 11.93
CA ASP A 12 16.94 17.56 12.63
C ASP A 12 15.46 17.18 12.39
N ARG A 13 15.22 16.19 11.51
CA ARG A 13 13.84 15.82 11.21
C ARG A 13 13.25 14.97 12.35
N PRO A 14 11.95 15.05 12.56
CA PRO A 14 11.33 14.33 13.67
C PRO A 14 11.13 12.86 13.39
N ARG A 15 10.81 12.14 14.47
CA ARG A 15 10.42 10.74 14.36
C ARG A 15 9.22 10.58 13.44
N PHE A 16 8.14 11.33 13.69
CA PHE A 16 6.91 11.16 12.92
C PHE A 16 6.06 12.41 13.13
N SER A 17 5.90 13.21 12.09
CA SER A 17 5.05 14.38 12.15
C SER A 17 4.19 14.48 10.90
N PHE A 18 2.87 14.37 11.09
CA PHE A 18 1.89 14.51 10.02
C PHE A 18 1.31 15.92 10.06
N SER A 19 1.35 16.59 8.93
N SER A 19 1.42 16.64 8.95
CA SER A 19 0.86 17.96 8.81
CA SER A 19 0.88 17.97 8.81
C SER A 19 -0.04 18.04 7.59
C SER A 19 -0.07 17.97 7.61
N ILE A 20 -1.26 18.53 7.81
CA ILE A 20 -2.23 18.71 6.74
C ILE A 20 -2.10 20.14 6.23
N ALA A 21 -1.78 20.27 4.94
CA ALA A 21 -1.58 21.56 4.31
C ALA A 21 -2.85 22.12 3.69
N ALA A 22 -3.75 21.26 3.23
CA ALA A 22 -4.94 21.73 2.53
C ALA A 22 -5.99 20.61 2.59
N ARG A 23 -7.25 21.02 2.60
N ARG A 23 -7.26 21.02 2.61
CA ARG A 23 -8.37 20.09 2.61
CA ARG A 23 -8.38 20.09 2.63
C ARG A 23 -9.40 20.47 1.55
C ARG A 23 -9.42 20.48 1.59
N GLU A 24 -10.15 19.48 1.10
CA GLU A 24 -11.31 19.70 0.25
C GLU A 24 -12.32 18.64 0.62
N GLY A 25 -13.37 19.03 1.34
CA GLY A 25 -14.28 18.03 1.86
C GLY A 25 -13.54 17.09 2.80
N LYS A 26 -13.66 15.78 2.57
CA LYS A 26 -12.95 14.81 3.37
C LYS A 26 -11.52 14.58 2.91
N ALA A 27 -11.16 15.07 1.72
CA ALA A 27 -9.83 14.85 1.20
C ALA A 27 -8.83 15.78 1.85
N ARG A 28 -7.61 15.27 2.06
CA ARG A 28 -6.52 16.02 2.67
C ARG A 28 -5.26 15.84 1.84
N THR A 29 -4.41 16.87 1.86
CA THR A 29 -3.04 16.73 1.34
C THR A 29 -2.06 17.35 2.32
N GLY A 30 -0.90 16.74 2.43
CA GLY A 30 0.08 17.23 3.36
C GLY A 30 1.33 16.39 3.31
N THR A 31 1.98 16.24 4.46
CA THR A 31 3.27 15.57 4.53
C THR A 31 3.37 14.78 5.83
N ILE A 32 4.09 13.67 5.75
CA ILE A 32 4.58 12.96 6.93
C ILE A 32 6.09 13.11 6.93
N GLU A 33 6.63 13.75 7.96
CA GLU A 33 8.06 13.89 8.14
C GLU A 33 8.56 12.78 9.06
N MET A 34 9.58 12.06 8.60
CA MET A 34 10.24 11.02 9.37
C MET A 34 11.75 11.23 9.26
N LYS A 35 12.50 10.51 10.07
CA LYS A 35 13.95 10.73 10.08
C LYS A 35 14.56 10.43 8.71
N ARG A 36 14.05 9.41 8.00
N ARG A 36 14.05 9.41 8.00
CA ARG A 36 14.62 9.02 6.72
CA ARG A 36 14.63 9.03 6.72
C ARG A 36 14.03 9.77 5.53
C ARG A 36 14.05 9.78 5.53
N GLY A 37 13.06 10.63 5.75
CA GLY A 37 12.55 11.44 4.65
C GLY A 37 11.14 11.91 4.86
N VAL A 38 10.72 12.73 3.91
CA VAL A 38 9.37 13.30 3.86
C VAL A 38 8.52 12.47 2.90
N ILE A 39 7.31 12.16 3.33
CA ILE A 39 6.31 11.44 2.55
C ILE A 39 5.20 12.42 2.21
N ARG A 40 4.98 12.61 0.92
CA ARG A 40 3.89 13.48 0.46
C ARG A 40 2.58 12.71 0.47
N THR A 41 1.51 13.32 1.02
CA THR A 41 0.24 12.61 1.06
C THR A 41 -0.86 13.38 0.33
N PRO A 42 -1.83 12.67 -0.28
CA PRO A 42 -1.92 11.21 -0.31
C PRO A 42 -0.76 10.53 -1.03
N ALA A 43 -0.40 9.36 -0.53
CA ALA A 43 0.81 8.65 -0.90
C ALA A 43 0.49 7.28 -1.45
N PHE A 44 1.22 6.86 -2.49
CA PHE A 44 1.18 5.48 -2.96
C PHE A 44 2.53 4.83 -2.69
N MET A 45 2.50 3.67 -2.03
CA MET A 45 3.68 2.92 -1.65
C MET A 45 3.81 1.72 -2.57
N PRO A 46 4.79 1.68 -3.46
CA PRO A 46 5.07 0.42 -4.17
C PRO A 46 5.51 -0.66 -3.20
N VAL A 47 5.23 -1.91 -3.58
CA VAL A 47 5.56 -3.06 -2.76
C VAL A 47 6.94 -3.56 -3.20
N GLY A 48 7.93 -3.38 -2.31
CA GLY A 48 9.32 -3.66 -2.66
C GLY A 48 9.68 -5.12 -2.63
N THR A 49 8.87 -5.93 -1.96
CA THR A 49 9.13 -7.33 -1.74
C THR A 49 8.35 -8.16 -2.75
N ALA A 55 13.67 -7.46 -10.73
CA ALA A 55 13.07 -6.32 -10.05
C ALA A 55 13.65 -5.00 -10.57
N LEU A 56 12.87 -3.92 -10.49
CA LEU A 56 13.44 -2.62 -10.78
C LEU A 56 14.50 -2.28 -9.76
N LYS A 57 15.48 -1.49 -10.20
CA LYS A 57 16.48 -0.95 -9.30
C LYS A 57 15.87 0.10 -8.36
N PRO A 58 16.40 0.23 -7.15
CA PRO A 58 15.82 1.21 -6.22
C PRO A 58 15.90 2.63 -6.71
N GLU A 59 16.97 2.99 -7.45
CA GLU A 59 17.05 4.35 -8.00
C GLU A 59 15.95 4.59 -9.02
N THR A 60 15.53 3.53 -9.73
CA THR A 60 14.42 3.64 -10.67
C THR A 60 13.11 3.87 -9.94
N VAL A 61 12.86 3.08 -8.89
CA VAL A 61 11.65 3.27 -8.08
C VAL A 61 11.61 4.68 -7.50
N ARG A 62 12.74 5.17 -6.98
CA ARG A 62 12.75 6.53 -6.45
C ARG A 62 12.45 7.56 -7.53
N ALA A 63 13.05 7.41 -8.72
CA ALA A 63 12.86 8.38 -9.79
C ALA A 63 11.42 8.40 -10.29
N THR A 64 10.63 7.35 -10.03
CA THR A 64 9.22 7.40 -10.40
C THR A 64 8.43 8.33 -9.51
N GLY A 65 8.98 8.70 -8.35
CA GLY A 65 8.29 9.59 -7.42
C GLY A 65 7.97 8.98 -6.09
N ALA A 66 8.24 7.70 -5.88
CA ALA A 66 7.90 7.07 -4.61
C ALA A 66 8.73 7.65 -3.48
N ASP A 67 8.06 7.98 -2.37
CA ASP A 67 8.69 8.53 -1.18
C ASP A 67 8.91 7.46 -0.11
N ILE A 68 8.20 6.34 -0.23
CA ILE A 68 8.24 5.27 0.77
C ILE A 68 7.83 4.00 0.03
N ILE A 69 8.37 2.86 0.45
CA ILE A 69 7.99 1.59 -0.13
C ILE A 69 7.52 0.67 1.00
N LEU A 70 6.81 -0.39 0.63
CA LEU A 70 6.30 -1.38 1.58
C LEU A 70 7.09 -2.68 1.50
N GLY A 71 7.40 -3.25 2.66
CA GLY A 71 8.00 -4.57 2.76
C GLY A 71 7.03 -5.56 3.40
N ASN A 72 6.97 -6.77 2.82
CA ASN A 72 6.10 -7.86 3.32
C ASN A 72 6.86 -8.69 4.35
N THR A 73 6.52 -8.49 5.61
CA THR A 73 7.19 -9.20 6.71
C THR A 73 7.13 -10.71 6.57
N TYR A 74 5.99 -11.24 6.13
CA TYR A 74 5.88 -12.69 5.99
C TYR A 74 6.91 -13.24 5.00
N HIS A 75 7.04 -12.60 3.83
CA HIS A 75 7.98 -13.10 2.84
C HIS A 75 9.41 -12.95 3.34
N LEU A 76 9.69 -11.84 4.01
CA LEU A 76 11.05 -11.59 4.48
C LEU A 76 11.43 -12.55 5.61
N MET A 77 10.48 -12.92 6.47
N MET A 77 10.47 -12.87 6.48
CA MET A 77 10.84 -13.86 7.54
CA MET A 77 10.68 -13.89 7.51
C MET A 77 11.02 -15.28 7.02
C MET A 77 11.16 -15.20 6.91
N LEU A 78 10.51 -15.61 5.83
CA LEU A 78 10.76 -16.92 5.26
C LEU A 78 12.06 -16.96 4.48
N ARG A 79 12.40 -15.88 3.78
CA ARG A 79 13.58 -15.86 2.92
C ARG A 79 14.02 -14.41 2.82
N PRO A 80 15.22 -14.05 3.29
CA PRO A 80 16.25 -14.89 3.92
C PRO A 80 16.11 -14.98 5.42
N GLY A 81 15.05 -14.43 5.97
CA GLY A 81 14.86 -14.44 7.41
C GLY A 81 15.22 -13.11 8.05
N ALA A 82 14.53 -12.79 9.14
CA ALA A 82 14.70 -11.47 9.76
C ALA A 82 16.07 -11.32 10.41
N GLU A 83 16.57 -12.38 11.05
CA GLU A 83 17.88 -12.29 11.69
C GLU A 83 18.96 -12.03 10.64
N ARG A 84 18.86 -12.68 9.48
N ARG A 84 18.87 -12.68 9.49
CA ARG A 84 19.82 -12.46 8.41
CA ARG A 84 19.84 -12.45 8.43
C ARG A 84 19.76 -11.04 7.88
C ARG A 84 19.77 -11.02 7.92
N ILE A 85 18.54 -10.52 7.68
CA ILE A 85 18.42 -9.14 7.21
C ILE A 85 19.05 -8.18 8.22
N ALA A 86 18.85 -8.43 9.51
CA ALA A 86 19.50 -7.57 10.50
C ALA A 86 21.02 -7.66 10.41
N LYS A 87 21.57 -8.87 10.25
CA LYS A 87 23.03 -9.02 10.19
C LYS A 87 23.57 -8.29 8.97
N LEU A 88 22.78 -8.22 7.91
CA LEU A 88 23.18 -7.52 6.69
C LEU A 88 22.99 -6.02 6.81
N GLY A 89 22.59 -5.54 7.97
CA GLY A 89 22.45 -4.13 8.22
C GLY A 89 21.03 -3.62 8.24
N GLY A 90 20.03 -4.47 8.06
CA GLY A 90 18.65 -4.05 8.07
C GLY A 90 18.04 -3.99 6.68
N LEU A 91 16.73 -3.78 6.66
CA LEU A 91 15.98 -3.86 5.41
C LEU A 91 16.39 -2.76 4.43
N HIS A 92 16.71 -1.56 4.94
CA HIS A 92 17.15 -0.49 4.03
C HIS A 92 18.41 -0.90 3.28
N SER A 93 19.38 -1.50 3.97
CA SER A 93 20.59 -1.97 3.29
C SER A 93 20.25 -3.11 2.34
N PHE A 94 19.45 -4.05 2.83
CA PHE A 94 19.07 -5.21 2.03
C PHE A 94 18.40 -4.81 0.74
N MET A 95 17.51 -3.82 0.79
CA MET A 95 16.78 -3.40 -0.41
C MET A 95 17.44 -2.28 -1.18
N GLY A 96 18.53 -1.71 -0.68
CA GLY A 96 19.13 -0.57 -1.36
C GLY A 96 18.25 0.64 -1.40
N TRP A 97 17.42 0.83 -0.35
CA TRP A 97 16.45 1.92 -0.28
C TRP A 97 16.63 2.65 1.03
N ASP A 98 17.11 3.90 0.98
CA ASP A 98 17.48 4.60 2.20
C ASP A 98 16.41 5.54 2.70
N ARG A 99 15.26 5.60 2.02
CA ARG A 99 14.12 6.41 2.47
C ARG A 99 13.18 5.57 3.35
N PRO A 100 12.05 6.12 3.80
CA PRO A 100 11.19 5.32 4.69
C PRO A 100 10.68 4.04 4.05
N ILE A 101 10.49 3.03 4.92
CA ILE A 101 9.91 1.75 4.59
C ILE A 101 8.82 1.45 5.61
N LEU A 102 7.65 1.06 5.11
CA LEU A 102 6.57 0.54 5.93
C LEU A 102 6.59 -0.99 5.80
N THR A 103 6.52 -1.69 6.93
CA THR A 103 6.32 -3.12 6.90
C THR A 103 4.93 -3.46 7.40
N ASP A 104 4.29 -4.39 6.71
CA ASP A 104 3.06 -5.00 7.24
C ASP A 104 3.43 -5.99 8.36
N SER A 105 2.41 -6.56 8.99
CA SER A 105 2.64 -7.33 10.20
C SER A 105 2.98 -8.78 9.92
N GLY A 106 2.70 -9.24 8.70
CA GLY A 106 2.79 -10.65 8.36
C GLY A 106 1.49 -11.41 8.48
N GLY A 107 0.54 -10.89 9.27
CA GLY A 107 -0.67 -11.66 9.56
C GLY A 107 -1.55 -11.95 8.35
N TYR A 108 -1.59 -11.05 7.36
CA TYR A 108 -2.47 -11.30 6.24
C TYR A 108 -1.98 -12.48 5.40
N GLN A 109 -0.67 -12.54 5.14
CA GLN A 109 -0.14 -13.64 4.35
C GLN A 109 -0.20 -14.96 5.10
N VAL A 110 -0.12 -14.94 6.44
CA VAL A 110 -0.40 -16.16 7.20
C VAL A 110 -1.76 -16.73 6.80
N MET A 111 -2.80 -15.89 6.81
CA MET A 111 -4.12 -16.34 6.40
C MET A 111 -4.11 -16.78 4.94
N SER A 112 -3.52 -15.97 4.05
CA SER A 112 -3.73 -16.17 2.62
C SER A 112 -2.75 -17.14 1.97
N LEU A 113 -1.57 -17.37 2.54
CA LEU A 113 -0.53 -18.17 1.90
C LEU A 113 -0.05 -19.37 2.69
N SER A 114 0.00 -19.30 4.02
CA SER A 114 0.62 -20.36 4.78
C SER A 114 -0.40 -21.46 5.10
N SER A 115 0.11 -22.56 5.67
CA SER A 115 -0.70 -23.61 6.26
C SER A 115 -0.57 -23.50 7.79
N LEU A 116 -1.69 -23.25 8.46
CA LEU A 116 -1.69 -23.00 9.89
C LEU A 116 -1.44 -24.25 10.70
N THR A 117 -0.43 -24.19 11.57
CA THR A 117 -0.23 -25.25 12.56
C THR A 117 -1.15 -25.06 13.77
N LYS A 118 -1.35 -23.81 14.22
CA LYS A 118 -2.18 -23.54 15.38
C LYS A 118 -2.57 -22.06 15.44
N GLN A 119 -3.77 -21.79 15.95
CA GLN A 119 -4.30 -20.43 16.08
C GLN A 119 -5.02 -20.27 17.41
N SER A 120 -4.72 -19.19 18.13
CA SER A 120 -5.38 -18.90 19.39
C SER A 120 -5.14 -17.43 19.73
N GLU A 121 -5.67 -17.02 20.89
CA GLU A 121 -5.45 -15.65 21.36
C GLU A 121 -3.97 -15.35 21.57
N GLU A 122 -3.16 -16.39 21.81
CA GLU A 122 -1.72 -16.21 22.01
C GLU A 122 -1.07 -15.68 20.73
N GLY A 123 -1.45 -16.21 19.60
CA GLY A 123 -0.80 -15.96 18.34
C GLY A 123 -1.04 -17.13 17.42
N VAL A 124 -0.19 -17.25 16.40
CA VAL A 124 -0.38 -18.28 15.40
C VAL A 124 0.94 -18.98 15.14
N THR A 125 0.83 -20.28 14.86
CA THR A 125 1.93 -21.09 14.37
C THR A 125 1.56 -21.54 12.96
N PHE A 126 2.52 -21.49 12.04
CA PHE A 126 2.23 -21.82 10.67
C PHE A 126 3.44 -22.48 10.01
N LYS A 127 3.18 -23.12 8.87
CA LYS A 127 4.19 -23.80 8.08
C LYS A 127 4.52 -22.92 6.89
N SER A 128 5.81 -22.74 6.63
CA SER A 128 6.25 -22.03 5.42
C SER A 128 5.71 -22.76 4.21
N HIS A 129 5.12 -22.02 3.26
CA HIS A 129 4.70 -22.65 2.02
C HIS A 129 5.91 -23.01 1.15
N LEU A 130 7.11 -22.57 1.53
CA LEU A 130 8.31 -22.85 0.76
C LEU A 130 8.88 -24.21 1.15
N ASP A 131 9.37 -24.34 2.38
CA ASP A 131 10.09 -25.52 2.82
C ASP A 131 9.43 -26.25 4.00
N GLY A 132 8.23 -25.83 4.40
CA GLY A 132 7.52 -26.54 5.47
C GLY A 132 7.95 -26.23 6.89
N SER A 133 8.96 -25.37 7.09
CA SER A 133 9.39 -25.00 8.43
C SER A 133 8.25 -24.34 9.21
N ARG A 134 8.35 -24.43 10.54
CA ARG A 134 7.33 -23.87 11.41
C ARG A 134 7.78 -22.51 11.92
N HIS A 135 6.85 -21.55 11.91
CA HIS A 135 7.10 -20.19 12.34
C HIS A 135 5.95 -19.76 13.23
N MET A 136 6.19 -18.72 14.00
CA MET A 136 5.22 -18.22 14.96
C MET A 136 5.08 -16.72 14.78
N LEU A 137 3.85 -16.23 14.82
CA LEU A 137 3.62 -14.80 14.84
C LEU A 137 2.63 -14.46 15.95
N SER A 138 2.73 -13.25 16.43
CA SER A 138 1.98 -12.74 17.55
C SER A 138 2.16 -11.23 17.51
N PRO A 139 1.38 -10.47 18.26
CA PRO A 139 1.70 -9.04 18.39
C PRO A 139 3.17 -8.83 18.76
N GLU A 140 3.67 -9.58 19.73
CA GLU A 140 5.03 -9.38 20.21
C GLU A 140 6.07 -9.86 19.20
N ARG A 141 5.86 -11.03 18.59
CA ARG A 141 6.82 -11.52 17.62
C ARG A 141 6.83 -10.68 16.34
N SER A 142 5.65 -10.23 15.90
CA SER A 142 5.59 -9.41 14.70
C SER A 142 6.33 -8.09 14.90
N ILE A 143 6.08 -7.41 16.03
CA ILE A 143 6.76 -6.16 16.29
C ILE A 143 8.27 -6.39 16.40
N GLU A 144 8.67 -7.50 17.04
CA GLU A 144 10.09 -7.80 17.16
C GLU A 144 10.72 -8.01 15.79
N ILE A 145 10.05 -8.74 14.91
CA ILE A 145 10.59 -8.97 13.57
C ILE A 145 10.70 -7.65 12.82
N GLN A 146 9.66 -6.81 12.90
CA GLN A 146 9.74 -5.51 12.23
C GLN A 146 10.84 -4.65 12.82
N HIS A 147 11.16 -4.84 14.10
CA HIS A 147 12.31 -4.14 14.67
C HIS A 147 13.62 -4.66 14.05
N LEU A 148 13.76 -5.99 13.93
CA LEU A 148 14.95 -6.54 13.30
C LEU A 148 15.11 -6.05 11.87
N LEU A 149 13.99 -5.92 11.15
CA LEU A 149 14.05 -5.35 9.81
C LEU A 149 14.40 -3.88 9.81
N GLY A 150 14.10 -3.18 10.88
CA GLY A 150 14.44 -1.77 10.99
C GLY A 150 13.53 -0.84 10.24
N SER A 151 12.29 -1.24 9.99
CA SER A 151 11.40 -0.40 9.23
C SER A 151 10.96 0.82 10.02
N ASP A 152 10.52 1.82 9.28
CA ASP A 152 10.15 3.12 9.81
C ASP A 152 8.71 3.18 10.26
N ILE A 153 7.79 2.55 9.53
CA ILE A 153 6.39 2.47 9.94
C ILE A 153 6.08 1.00 10.15
N VAL A 154 5.62 0.69 11.36
CA VAL A 154 5.36 -0.67 11.85
C VAL A 154 3.86 -0.84 11.95
N MET A 155 3.34 -1.94 11.39
CA MET A 155 1.91 -2.24 11.49
C MET A 155 1.65 -3.17 12.66
N ALA A 156 0.63 -2.84 13.44
CA ALA A 156 0.13 -3.73 14.47
C ALA A 156 -0.27 -5.06 13.84
N PHE A 157 -0.13 -6.13 14.64
CA PHE A 157 -0.53 -7.47 14.25
C PHE A 157 -2.00 -7.68 14.61
N ASP A 158 -2.81 -8.07 13.63
CA ASP A 158 -4.26 -8.21 13.82
C ASP A 158 -4.71 -9.56 13.28
N GLU A 159 -6.01 -9.82 13.40
CA GLU A 159 -6.62 -11.04 12.87
C GLU A 159 -7.60 -10.68 11.77
N SER A 160 -7.34 -11.19 10.57
CA SER A 160 -8.20 -10.92 9.42
C SER A 160 -9.47 -11.75 9.46
N THR A 161 -10.55 -11.20 8.87
CA THR A 161 -11.83 -11.87 8.74
C THR A 161 -12.17 -11.97 7.26
N PRO A 162 -12.28 -13.17 6.68
CA PRO A 162 -12.57 -13.28 5.25
C PRO A 162 -13.80 -12.54 4.78
N TYR A 163 -13.88 -12.32 3.46
CA TYR A 163 -15.09 -11.78 2.88
C TYR A 163 -15.84 -12.91 2.15
N PRO A 164 -17.16 -13.02 2.31
CA PRO A 164 -18.00 -12.31 3.28
C PRO A 164 -17.81 -12.88 4.66
N ALA A 165 -18.07 -12.08 5.69
CA ALA A 165 -17.96 -12.54 7.06
C ALA A 165 -19.31 -12.38 7.74
N THR A 166 -19.64 -13.33 8.60
CA THR A 166 -20.80 -13.21 9.44
C THR A 166 -20.58 -12.10 10.46
N PRO A 167 -21.65 -11.49 10.96
CA PRO A 167 -21.47 -10.48 12.01
C PRO A 167 -20.76 -11.01 13.23
N SER A 168 -21.00 -12.29 13.59
CA SER A 168 -20.34 -12.85 14.77
C SER A 168 -18.85 -13.09 14.50
N ARG A 169 -18.50 -13.61 13.32
CA ARG A 169 -17.09 -13.79 13.01
C ARG A 169 -16.39 -12.44 12.83
N ALA A 170 -17.07 -11.47 12.22
CA ALA A 170 -16.47 -10.14 12.10
C ALA A 170 -16.23 -9.54 13.48
N ALA A 171 -17.18 -9.74 14.40
CA ALA A 171 -17.05 -9.15 15.73
C ALA A 171 -15.94 -9.81 16.54
N SER A 172 -15.85 -11.15 16.49
CA SER A 172 -14.84 -11.81 17.31
C SER A 172 -13.43 -11.51 16.79
N SER A 173 -13.26 -11.41 15.47
CA SER A 173 -11.97 -11.06 14.91
C SER A 173 -11.59 -9.62 15.21
N MET A 174 -12.57 -8.72 15.14
CA MET A 174 -12.30 -7.32 15.48
C MET A 174 -11.90 -7.19 16.94
N GLU A 175 -12.61 -7.90 17.83
CA GLU A 175 -12.31 -7.78 19.25
C GLU A 175 -10.94 -8.35 19.57
N ARG A 176 -10.59 -9.49 18.97
CA ARG A 176 -9.24 -10.03 19.15
C ARG A 176 -8.21 -9.06 18.59
N SER A 177 -8.50 -8.49 17.41
CA SER A 177 -7.56 -7.56 16.81
C SER A 177 -7.31 -6.35 17.72
N MET A 178 -8.32 -5.94 18.50
CA MET A 178 -8.11 -4.77 19.36
C MET A 178 -7.25 -5.13 20.57
N ARG A 179 -7.47 -6.32 21.16
CA ARG A 179 -6.57 -6.79 22.21
C ARG A 179 -5.16 -6.95 21.68
N TRP A 180 -5.04 -7.44 20.46
CA TRP A 180 -3.74 -7.55 19.83
C TRP A 180 -3.17 -6.18 19.48
N ALA A 181 -4.02 -5.19 19.23
CA ALA A 181 -3.53 -3.84 18.99
C ALA A 181 -2.86 -3.27 20.25
N LYS A 182 -3.50 -3.47 21.41
CA LYS A 182 -2.86 -3.07 22.65
C LYS A 182 -1.54 -3.82 22.86
N ARG A 183 -1.52 -5.12 22.58
CA ARG A 183 -0.28 -5.87 22.73
C ARG A 183 0.81 -5.36 21.77
N SER A 184 0.43 -4.97 20.55
CA SER A 184 1.39 -4.43 19.60
C SER A 184 1.97 -3.11 20.10
N ARG A 185 1.09 -2.23 20.59
CA ARG A 185 1.49 -0.96 21.21
C ARG A 185 2.53 -1.18 22.30
N ASP A 186 2.26 -2.11 23.21
CA ASP A 186 3.15 -2.32 24.35
C ASP A 186 4.47 -2.94 23.92
N ALA A 187 4.44 -3.84 22.93
CA ALA A 187 5.67 -4.44 22.44
C ALA A 187 6.55 -3.39 21.76
N PHE A 188 5.95 -2.58 20.89
CA PHE A 188 6.65 -1.48 20.23
C PHE A 188 7.27 -0.53 21.26
N ASP A 189 6.50 -0.19 22.29
CA ASP A 189 6.98 0.74 23.30
C ASP A 189 8.09 0.14 24.17
N SER A 190 8.23 -1.19 24.19
CA SER A 190 9.19 -1.84 25.08
C SER A 190 10.63 -1.70 24.62
N ARG A 191 10.86 -1.29 23.36
CA ARG A 191 12.19 -1.15 22.78
C ARG A 191 12.44 0.31 22.48
N LYS A 192 13.30 0.93 23.29
CA LYS A 192 13.60 2.34 23.12
C LYS A 192 14.08 2.64 21.72
N GLU A 193 14.91 1.75 21.15
CA GLU A 193 15.46 2.02 19.83
C GLU A 193 14.35 2.09 18.78
N GLN A 194 13.35 1.22 18.89
CA GLN A 194 12.24 1.24 17.96
C GLN A 194 11.30 2.42 18.25
N ALA A 195 10.91 2.59 19.52
CA ALA A 195 9.92 3.61 19.85
C ALA A 195 10.42 5.02 19.58
N GLU A 196 11.72 5.27 19.68
CA GLU A 196 12.24 6.62 19.44
C GLU A 196 12.43 6.94 17.97
N ASN A 197 12.48 5.93 17.10
CA ASN A 197 12.89 6.15 15.72
C ASN A 197 11.88 5.71 14.69
N ALA A 198 10.91 4.89 15.06
CA ALA A 198 9.89 4.37 14.16
C ALA A 198 8.51 4.85 14.62
N ALA A 199 7.51 4.52 13.82
CA ALA A 199 6.12 4.82 14.10
C ALA A 199 5.31 3.55 14.03
N LEU A 200 4.16 3.57 14.69
CA LEU A 200 3.27 2.42 14.83
C LEU A 200 1.86 2.80 14.39
N PHE A 201 1.30 2.02 13.46
CA PHE A 201 -0.07 2.18 13.02
C PHE A 201 -0.94 1.05 13.58
N GLY A 202 -2.17 1.41 13.95
CA GLY A 202 -3.19 0.45 14.33
C GLY A 202 -4.16 0.26 13.17
N ILE A 203 -4.93 -0.84 13.21
CA ILE A 203 -5.73 -1.25 12.06
C ILE A 203 -7.18 -1.43 12.51
N GLN A 204 -8.07 -0.65 11.91
CA GLN A 204 -9.50 -0.77 12.19
C GLN A 204 -10.06 -1.99 11.48
N GLN A 205 -10.87 -2.78 12.20
CA GLN A 205 -11.57 -3.92 11.63
C GLN A 205 -13.07 -3.72 11.85
N GLY A 206 -13.85 -4.76 11.57
CA GLY A 206 -15.31 -4.71 11.69
C GLY A 206 -16.05 -5.05 10.42
N SER A 207 -15.36 -5.43 9.35
CA SER A 207 -15.99 -5.87 8.10
C SER A 207 -16.88 -4.74 7.60
N VAL A 208 -18.14 -4.99 7.26
CA VAL A 208 -19.01 -3.98 6.69
C VAL A 208 -19.97 -3.39 7.72
N PHE A 209 -19.75 -3.68 8.99
CA PHE A 209 -20.73 -3.38 10.04
C PHE A 209 -20.33 -2.09 10.73
N GLU A 210 -21.21 -1.09 10.64
CA GLU A 210 -20.87 0.23 11.17
C GLU A 210 -20.58 0.17 12.66
N ASN A 211 -21.38 -0.56 13.43
CA ASN A 211 -21.19 -0.58 14.88
C ASN A 211 -19.85 -1.22 15.26
N LEU A 212 -19.45 -2.27 14.56
CA LEU A 212 -18.15 -2.88 14.84
C LEU A 212 -17.00 -1.95 14.43
N ARG A 213 -17.16 -1.20 13.34
CA ARG A 213 -16.12 -0.27 12.92
C ARG A 213 -15.95 0.84 13.94
N GLN A 214 -17.06 1.32 14.53
CA GLN A 214 -16.99 2.34 15.56
C GLN A 214 -16.35 1.79 16.83
N GLN A 215 -16.76 0.57 17.23
CA GLN A 215 -16.14 -0.12 18.35
C GLN A 215 -14.63 -0.18 18.16
N SER A 216 -14.20 -0.56 16.96
CA SER A 216 -12.78 -0.71 16.65
C SER A 216 -12.08 0.64 16.69
N ALA A 217 -12.65 1.65 16.03
CA ALA A 217 -12.06 2.97 16.04
C ALA A 217 -11.90 3.48 17.47
N ASP A 218 -12.93 3.31 18.31
CA ASP A 218 -12.83 3.82 19.67
C ASP A 218 -11.70 3.15 20.43
N ALA A 219 -11.54 1.84 20.25
CA ALA A 219 -10.50 1.08 20.93
C ALA A 219 -9.12 1.52 20.48
N LEU A 220 -8.95 1.73 19.17
CA LEU A 220 -7.66 2.14 18.65
C LEU A 220 -7.28 3.53 19.15
N ALA A 221 -8.25 4.45 19.18
CA ALA A 221 -7.93 5.80 19.63
C ALA A 221 -7.63 5.84 21.12
N GLU A 222 -8.25 4.93 21.90
CA GLU A 222 -7.94 4.85 23.32
C GLU A 222 -6.49 4.40 23.54
N ILE A 223 -6.04 3.41 22.76
CA ILE A 223 -4.65 2.97 22.84
C ILE A 223 -3.72 4.08 22.38
N GLY A 224 -4.03 4.67 21.23
CA GLY A 224 -3.22 5.73 20.66
C GLY A 224 -2.18 5.22 19.68
N PHE A 225 -2.22 5.68 18.42
CA PHE A 225 -1.29 5.23 17.39
C PHE A 225 -0.83 6.45 16.60
N ASP A 226 0.27 6.29 15.85
CA ASP A 226 0.74 7.37 14.99
C ASP A 226 -0.10 7.49 13.72
N GLY A 227 -0.80 6.43 13.34
CA GLY A 227 -1.64 6.43 12.16
C GLY A 227 -2.61 5.28 12.28
N TYR A 228 -3.65 5.32 11.44
CA TYR A 228 -4.77 4.39 11.54
C TYR A 228 -5.07 3.84 10.17
N ALA A 229 -4.99 2.52 10.05
CA ALA A 229 -5.33 1.85 8.81
C ALA A 229 -6.78 1.36 8.87
N VAL A 230 -7.39 1.32 7.70
CA VAL A 230 -8.68 0.67 7.49
C VAL A 230 -8.37 -0.70 6.92
N GLY A 231 -8.54 -1.74 7.73
CA GLY A 231 -8.33 -3.09 7.29
C GLY A 231 -9.62 -3.75 6.87
N GLY A 232 -9.47 -4.92 6.26
CA GLY A 232 -10.64 -5.75 5.97
C GLY A 232 -11.36 -5.41 4.70
N LEU A 233 -10.79 -4.55 3.85
CA LEU A 233 -11.39 -4.20 2.58
C LEU A 233 -10.48 -4.67 1.45
N ALA A 234 -10.96 -4.55 0.21
CA ALA A 234 -10.23 -5.02 -0.95
C ALA A 234 -10.04 -6.53 -0.92
N VAL A 235 -11.02 -7.27 -0.38
CA VAL A 235 -10.89 -8.71 -0.27
C VAL A 235 -12.10 -9.41 -0.87
N GLY A 236 -12.70 -8.77 -1.87
CA GLY A 236 -13.77 -9.38 -2.64
C GLY A 236 -15.08 -8.64 -2.59
N GLU A 237 -15.20 -7.54 -1.85
N GLU A 237 -15.24 -7.68 -1.70
CA GLU A 237 -16.51 -6.93 -1.63
CA GLU A 237 -16.37 -6.77 -1.82
C GLU A 237 -17.03 -6.09 -2.79
C GLU A 237 -16.12 -5.87 -3.02
N GLY A 238 -16.16 -5.63 -3.69
N GLY A 238 -17.20 -5.49 -3.69
CA GLY A 238 -16.60 -4.72 -4.75
CA GLY A 238 -17.07 -4.61 -4.82
C GLY A 238 -16.46 -3.27 -4.35
C GLY A 238 -16.69 -3.21 -4.39
N GLN A 239 -16.31 -2.41 -5.37
CA GLN A 239 -16.00 -1.00 -5.09
C GLN A 239 -17.17 -0.30 -4.40
N ASP A 240 -18.40 -0.52 -4.90
CA ASP A 240 -19.57 0.11 -4.29
C ASP A 240 -19.61 -0.13 -2.78
N GLU A 241 -19.48 -1.39 -2.36
CA GLU A 241 -19.52 -1.69 -0.93
C GLU A 241 -18.29 -1.13 -0.22
N MET A 242 -17.13 -1.21 -0.85
CA MET A 242 -15.94 -0.64 -0.21
C MET A 242 -16.15 0.84 0.07
N PHE A 243 -16.66 1.57 -0.92
CA PHE A 243 -16.89 2.99 -0.75
C PHE A 243 -17.93 3.26 0.34
N ARG A 244 -18.99 2.45 0.38
CA ARG A 244 -20.01 2.61 1.42
C ARG A 244 -19.40 2.45 2.81
N VAL A 245 -18.53 1.46 2.98
CA VAL A 245 -17.88 1.25 4.26
C VAL A 245 -16.96 2.41 4.59
N LEU A 246 -16.15 2.86 3.62
CA LEU A 246 -15.29 4.00 3.86
C LEU A 246 -16.09 5.22 4.27
N ASP A 247 -17.28 5.39 3.69
CA ASP A 247 -18.10 6.58 3.96
C ASP A 247 -18.32 6.79 5.46
N PHE A 248 -18.60 5.72 6.22
CA PHE A 248 -18.79 5.89 7.65
C PHE A 248 -17.56 5.48 8.46
N SER A 249 -16.62 4.71 7.90
CA SER A 249 -15.51 4.22 8.71
C SER A 249 -14.41 5.27 8.89
N VAL A 250 -14.03 5.98 7.83
CA VAL A 250 -12.91 6.91 7.94
C VAL A 250 -13.22 8.03 8.92
N PRO A 251 -14.42 8.62 8.95
CA PRO A 251 -14.66 9.70 9.91
C PRO A 251 -14.54 9.26 11.36
N MET A 252 -14.59 7.95 11.63
CA MET A 252 -14.47 7.47 13.00
C MET A 252 -13.04 7.58 13.52
N LEU A 253 -12.08 7.61 12.63
CA LEU A 253 -10.67 7.66 13.02
C LEU A 253 -10.27 9.09 13.38
N PRO A 254 -9.22 9.23 14.19
CA PRO A 254 -8.73 10.57 14.52
C PRO A 254 -8.38 11.36 13.26
N ASP A 255 -8.89 12.59 13.21
CA ASP A 255 -8.71 13.43 12.02
C ASP A 255 -7.26 13.84 11.82
N ASP A 256 -6.52 14.06 12.90
CA ASP A 256 -5.20 14.65 12.79
C ASP A 256 -4.08 13.63 12.61
N LYS A 257 -4.40 12.38 12.27
CA LYS A 257 -3.42 11.34 12.01
C LYS A 257 -3.67 10.76 10.61
N PRO A 258 -2.65 10.15 9.99
CA PRO A 258 -2.88 9.57 8.67
C PRO A 258 -3.83 8.39 8.70
N HIS A 259 -4.52 8.23 7.56
CA HIS A 259 -5.48 7.16 7.32
C HIS A 259 -4.97 6.32 6.15
N TYR A 260 -4.81 5.02 6.38
CA TYR A 260 -4.13 4.12 5.45
C TYR A 260 -5.06 3.01 5.01
N LEU A 261 -5.39 2.97 3.72
CA LEU A 261 -6.26 1.92 3.17
C LEU A 261 -5.35 0.83 2.58
N MET A 262 -5.24 -0.28 3.30
CA MET A 262 -4.24 -1.30 2.97
C MET A 262 -4.66 -2.09 1.74
N GLY A 263 -3.72 -2.30 0.83
CA GLY A 263 -3.94 -3.17 -0.30
C GLY A 263 -4.79 -2.60 -1.42
N VAL A 264 -5.08 -1.31 -1.40
CA VAL A 264 -5.84 -0.65 -2.47
C VAL A 264 -4.90 0.28 -3.22
N GLY A 265 -4.91 0.26 -4.56
CA GLY A 265 -5.71 -0.59 -5.41
C GLY A 265 -5.68 -0.01 -6.82
N LYS A 266 -6.78 -0.19 -7.55
CA LYS A 266 -6.92 0.33 -8.89
C LYS A 266 -6.94 1.86 -8.84
N PRO A 267 -6.57 2.52 -9.94
CA PRO A 267 -6.57 4.00 -9.90
C PRO A 267 -7.90 4.60 -9.46
N ASP A 268 -9.04 4.08 -9.95
CA ASP A 268 -10.33 4.63 -9.55
C ASP A 268 -10.64 4.31 -8.09
N ASP A 269 -10.16 3.19 -7.56
CA ASP A 269 -10.31 2.93 -6.13
C ASP A 269 -9.58 4.02 -5.33
N ILE A 270 -8.37 4.38 -5.77
CA ILE A 270 -7.57 5.36 -5.04
C ILE A 270 -8.27 6.72 -5.03
N VAL A 271 -8.73 7.17 -6.20
CA VAL A 271 -9.39 8.47 -6.26
C VAL A 271 -10.60 8.51 -5.32
N GLY A 272 -11.46 7.49 -5.40
CA GLY A 272 -12.64 7.51 -4.56
C GLY A 272 -12.30 7.38 -3.08
N ALA A 273 -11.22 6.68 -2.75
CA ALA A 273 -10.86 6.57 -1.35
C ALA A 273 -10.29 7.89 -0.82
N VAL A 274 -9.56 8.63 -1.65
CA VAL A 274 -9.10 9.94 -1.22
C VAL A 274 -10.29 10.87 -0.98
N GLU A 275 -11.30 10.80 -1.86
CA GLU A 275 -12.53 11.56 -1.67
C GLU A 275 -13.16 11.27 -0.32
N ARG A 276 -12.83 10.13 0.29
CA ARG A 276 -13.42 9.66 1.54
C ARG A 276 -12.46 9.75 2.71
N GLY A 277 -11.31 10.40 2.52
CA GLY A 277 -10.42 10.72 3.61
C GLY A 277 -9.19 9.84 3.78
N ILE A 278 -8.85 9.03 2.78
CA ILE A 278 -7.66 8.18 2.87
C ILE A 278 -6.42 8.94 2.42
N ASP A 279 -5.31 8.71 3.13
CA ASP A 279 -4.04 9.39 2.90
C ASP A 279 -2.95 8.48 2.35
N MET A 280 -3.08 7.17 2.46
CA MET A 280 -2.01 6.26 2.11
C MET A 280 -2.57 4.99 1.51
N PHE A 281 -1.80 4.43 0.57
CA PHE A 281 -2.19 3.29 -0.24
C PHE A 281 -0.99 2.42 -0.52
N ASP A 282 -1.24 1.12 -0.72
CA ASP A 282 -0.25 0.22 -1.31
C ASP A 282 -0.96 -0.80 -2.18
N SER A 283 -0.27 -1.29 -3.22
CA SER A 283 -0.84 -2.31 -4.10
C SER A 283 0.25 -2.93 -4.97
N VAL A 284 0.13 -4.24 -5.20
CA VAL A 284 1.02 -4.89 -6.16
C VAL A 284 0.54 -4.71 -7.59
N LEU A 285 -0.66 -4.16 -7.79
N LEU A 285 -0.63 -4.10 -7.78
CA LEU A 285 -1.21 -4.06 -9.13
CA LEU A 285 -1.24 -4.04 -9.11
C LEU A 285 -0.25 -3.47 -10.16
C LEU A 285 -0.35 -3.41 -10.19
N PRO A 286 0.39 -2.32 -9.94
CA PRO A 286 1.21 -1.78 -11.03
C PRO A 286 2.29 -2.77 -11.44
N THR A 287 2.86 -3.51 -10.50
N THR A 287 2.87 -3.48 -10.47
CA THR A 287 3.95 -4.41 -10.85
CA THR A 287 3.93 -4.43 -10.77
C THR A 287 3.43 -5.73 -11.41
C THR A 287 3.38 -5.66 -11.46
N ARG A 288 2.33 -6.25 -10.88
CA ARG A 288 1.71 -7.45 -11.48
C ARG A 288 1.24 -7.15 -12.90
N SER A 289 0.62 -6.00 -13.11
CA SER A 289 0.16 -5.66 -14.44
C SER A 289 1.34 -5.51 -15.40
N GLY A 290 2.42 -4.85 -14.95
CA GLY A 290 3.54 -4.64 -15.83
C GLY A 290 4.17 -5.95 -16.28
N ARG A 291 4.23 -6.93 -15.37
CA ARG A 291 4.77 -8.24 -15.73
C ARG A 291 3.86 -8.97 -16.70
N ASN A 292 2.57 -8.65 -16.70
CA ASN A 292 1.58 -9.32 -17.52
C ASN A 292 1.22 -8.52 -18.78
N GLY A 293 1.99 -7.48 -19.12
CA GLY A 293 1.71 -6.75 -20.34
C GLY A 293 0.52 -5.82 -20.30
N GLN A 294 0.14 -5.34 -19.11
CA GLN A 294 -0.96 -4.39 -18.95
C GLN A 294 -0.39 -3.06 -18.46
N ALA A 295 -0.74 -1.98 -19.14
CA ALA A 295 -0.30 -0.65 -18.75
C ALA A 295 -1.49 0.19 -18.31
N PHE A 296 -1.31 0.95 -17.25
CA PHE A 296 -2.30 1.93 -16.83
C PHE A 296 -2.10 3.21 -17.61
N THR A 297 -3.22 3.82 -18.04
CA THR A 297 -3.24 5.08 -18.75
C THR A 297 -4.42 5.91 -18.26
N TRP A 298 -4.39 7.20 -18.59
CA TRP A 298 -5.52 8.07 -18.22
C TRP A 298 -6.80 7.66 -18.92
N ASP A 299 -6.70 6.88 -20.00
CA ASP A 299 -7.86 6.36 -20.70
C ASP A 299 -8.15 4.90 -20.33
N GLY A 300 -7.70 4.47 -19.17
CA GLY A 300 -7.93 3.13 -18.70
C GLY A 300 -6.79 2.20 -19.03
N PRO A 301 -6.83 0.98 -18.53
CA PRO A 301 -5.74 0.04 -18.80
C PRO A 301 -5.79 -0.41 -20.25
N ILE A 302 -4.60 -0.73 -20.76
CA ILE A 302 -4.44 -1.32 -22.09
C ILE A 302 -3.60 -2.60 -22.00
N ASN A 303 -3.91 -3.53 -22.89
CA ASN A 303 -3.17 -4.77 -23.05
C ASN A 303 -2.24 -4.60 -24.24
N ILE A 304 -0.95 -4.40 -23.96
CA ILE A 304 0.00 -4.01 -24.99
C ILE A 304 0.22 -5.09 -26.03
N ARG A 305 -0.15 -6.34 -25.73
CA ARG A 305 -0.04 -7.40 -26.74
C ARG A 305 -1.05 -7.28 -27.87
N ASN A 306 -2.10 -6.47 -27.69
CA ASN A 306 -3.11 -6.34 -28.73
C ASN A 306 -2.48 -5.85 -30.03
N ALA A 307 -2.91 -6.46 -31.13
CA ALA A 307 -2.36 -6.16 -32.45
C ALA A 307 -2.45 -4.67 -32.79
N ARG A 308 -3.44 -3.97 -32.24
N ARG A 308 -3.44 -3.97 -32.24
CA ARG A 308 -3.58 -2.56 -32.59
CA ARG A 308 -3.59 -2.56 -32.58
C ARG A 308 -2.41 -1.71 -32.15
C ARG A 308 -2.38 -1.73 -32.18
N PHE A 309 -1.53 -2.24 -31.31
CA PHE A 309 -0.38 -1.50 -30.84
C PHE A 309 0.89 -1.78 -31.64
N SER A 310 0.84 -2.69 -32.61
CA SER A 310 2.07 -3.13 -33.25
C SER A 310 2.72 -2.02 -34.08
N GLU A 311 1.91 -1.06 -34.55
CA GLU A 311 2.40 0.05 -35.34
C GLU A 311 2.03 1.38 -34.72
N ASP A 312 1.72 1.37 -33.43
CA ASP A 312 1.29 2.58 -32.72
C ASP A 312 2.54 3.26 -32.17
N LEU A 313 2.91 4.41 -32.77
CA LEU A 313 4.13 5.09 -32.40
C LEU A 313 3.97 5.99 -31.18
N LYS A 314 2.78 6.07 -30.61
CA LYS A 314 2.58 6.90 -29.43
C LYS A 314 3.11 6.16 -28.20
N PRO A 315 3.47 6.91 -27.16
CA PRO A 315 3.88 6.27 -25.90
C PRO A 315 2.69 5.54 -25.28
N LEU A 316 2.99 4.76 -24.25
CA LEU A 316 1.94 4.04 -23.55
C LEU A 316 0.81 4.97 -23.19
N ASP A 317 1.14 6.12 -22.60
CA ASP A 317 0.15 7.14 -22.30
C ASP A 317 0.65 8.49 -22.82
N SER A 318 -0.30 9.20 -23.44
N SER A 318 -0.17 9.21 -23.57
CA SER A 318 -0.06 10.43 -24.18
CA SER A 318 0.40 10.38 -24.22
C SER A 318 0.40 11.57 -23.28
C SER A 318 0.52 11.58 -23.27
N GLU A 319 0.11 11.48 -22.00
CA GLU A 319 0.40 12.56 -21.07
C GLU A 319 1.41 12.18 -20.00
N CYS A 320 1.66 10.90 -19.81
CA CYS A 320 2.59 10.44 -18.79
C CYS A 320 4.00 11.01 -18.99
N HIS A 321 4.57 11.49 -17.87
N HIS A 321 4.61 11.55 -17.95
CA HIS A 321 5.87 12.13 -17.78
CA HIS A 321 5.97 12.04 -18.14
C HIS A 321 7.02 11.13 -17.58
C HIS A 321 7.00 11.14 -17.45
N CYS A 322 6.71 9.85 -17.40
CA CYS A 322 7.73 8.93 -16.95
C CYS A 322 8.81 8.76 -18.00
N ALA A 323 9.96 8.24 -17.55
CA ALA A 323 11.10 8.08 -18.45
C ALA A 323 10.75 7.15 -19.60
N VAL A 324 9.90 6.15 -19.36
CA VAL A 324 9.54 5.22 -20.43
C VAL A 324 8.76 5.95 -21.52
N CYS A 325 7.79 6.77 -21.13
CA CYS A 325 6.94 7.43 -22.13
C CYS A 325 7.67 8.57 -22.84
N GLN A 326 8.80 9.06 -22.31
N GLN A 326 8.78 9.06 -22.29
CA GLN A 326 9.57 10.03 -23.07
CA GLN A 326 9.57 10.07 -22.99
C GLN A 326 10.20 9.41 -24.29
C GLN A 326 10.47 9.46 -24.08
N LYS A 327 10.49 8.12 -24.22
CA LYS A 327 11.29 7.49 -25.24
C LYS A 327 10.64 6.37 -26.03
N TRP A 328 9.91 5.50 -25.35
CA TRP A 328 9.48 4.24 -25.94
C TRP A 328 8.06 4.34 -26.43
N SER A 329 7.83 3.80 -27.63
CA SER A 329 6.52 3.75 -28.21
C SER A 329 5.79 2.47 -27.79
N ARG A 330 4.47 2.54 -27.86
CA ARG A 330 3.67 1.32 -27.74
C ARG A 330 4.17 0.23 -28.68
N ALA A 331 4.53 0.60 -29.92
CA ALA A 331 4.96 -0.39 -30.90
C ALA A 331 6.17 -1.18 -30.40
N CYS A 332 7.13 -0.47 -29.83
CA CYS A 332 8.36 -1.16 -29.44
C CYS A 332 8.20 -1.91 -28.13
N ILE A 333 7.39 -1.39 -27.20
CA ILE A 333 7.12 -2.17 -26.00
C ILE A 333 6.32 -3.43 -26.35
N HIS A 334 5.34 -3.28 -27.27
CA HIS A 334 4.63 -4.43 -27.84
C HIS A 334 5.61 -5.47 -28.38
N ALA A 335 6.57 -5.03 -29.19
CA ALA A 335 7.55 -5.97 -29.75
C ALA A 335 8.32 -6.69 -28.65
N LEU A 336 8.77 -5.94 -27.64
CA LEU A 336 9.54 -6.55 -26.56
C LEU A 336 8.72 -7.58 -25.79
N ILE A 337 7.50 -7.22 -25.42
CA ILE A 337 6.63 -8.11 -24.66
C ILE A 337 6.30 -9.36 -25.46
N ARG A 338 5.99 -9.20 -26.76
N ARG A 338 5.99 -9.20 -26.76
CA ARG A 338 5.64 -10.36 -27.57
CA ARG A 338 5.64 -10.34 -27.59
C ARG A 338 6.82 -11.31 -27.73
C ARG A 338 6.82 -11.30 -27.75
N ALA A 339 8.04 -10.78 -27.69
CA ALA A 339 9.24 -11.60 -27.76
C ALA A 339 9.61 -12.22 -26.42
N GLY A 340 8.92 -11.86 -25.35
CA GLY A 340 9.32 -12.36 -24.05
C GLY A 340 10.57 -11.72 -23.49
N GLU A 341 10.95 -10.55 -23.99
CA GLU A 341 12.16 -9.89 -23.51
C GLU A 341 11.86 -9.22 -22.17
N ILE A 342 12.70 -9.51 -21.18
CA ILE A 342 12.43 -8.99 -19.83
C ILE A 342 12.42 -7.47 -19.85
N LEU A 343 13.19 -6.83 -20.75
CA LEU A 343 13.15 -5.37 -20.83
C LEU A 343 11.72 -4.86 -20.99
N GLY A 344 10.90 -5.57 -21.78
CA GLY A 344 9.52 -5.15 -21.95
C GLY A 344 8.77 -5.06 -20.64
N ALA A 345 8.86 -6.11 -19.81
CA ALA A 345 8.18 -6.08 -18.53
C ALA A 345 8.75 -5.01 -17.62
N MET A 346 10.07 -4.81 -17.64
N MET A 346 10.07 -4.81 -17.64
CA MET A 346 10.66 -3.77 -16.80
CA MET A 346 10.69 -3.78 -16.82
C MET A 346 10.16 -2.38 -17.21
C MET A 346 10.16 -2.41 -17.20
N LEU A 347 10.07 -2.12 -18.51
CA LEU A 347 9.58 -0.83 -18.95
C LEU A 347 8.13 -0.62 -18.55
N MET A 348 7.28 -1.63 -18.78
N MET A 348 7.28 -1.65 -18.75
CA MET A 348 5.88 -1.52 -18.38
CA MET A 348 5.88 -1.53 -18.38
C MET A 348 5.76 -1.27 -16.87
C MET A 348 5.72 -1.33 -16.88
N THR A 349 6.56 -2.00 -16.09
CA THR A 349 6.47 -1.89 -14.64
C THR A 349 6.90 -0.50 -14.18
N GLU A 350 8.00 0.00 -14.71
CA GLU A 350 8.43 1.36 -14.40
C GLU A 350 7.33 2.37 -14.76
N HIS A 351 6.77 2.25 -15.97
CA HIS A 351 5.71 3.18 -16.35
C HIS A 351 4.51 3.07 -15.41
N ASN A 352 4.11 1.85 -15.04
CA ASN A 352 2.94 1.72 -14.17
C ASN A 352 3.16 2.37 -12.81
N ILE A 353 4.33 2.13 -12.22
CA ILE A 353 4.60 2.72 -10.92
C ILE A 353 4.66 4.23 -11.03
N ALA A 354 5.28 4.74 -12.11
CA ALA A 354 5.36 6.17 -12.34
C ALA A 354 3.98 6.77 -12.58
N PHE A 355 3.14 6.07 -13.33
CA PHE A 355 1.79 6.55 -13.55
C PHE A 355 1.04 6.68 -12.23
N TYR A 356 1.16 5.67 -11.36
CA TYR A 356 0.56 5.77 -10.04
C TYR A 356 1.07 6.98 -9.28
N GLN A 357 2.38 7.26 -9.34
CA GLN A 357 2.90 8.43 -8.63
C GLN A 357 2.36 9.73 -9.25
N GLN A 358 2.20 9.76 -10.57
CA GLN A 358 1.65 10.95 -11.21
C GLN A 358 0.18 11.13 -10.85
N LEU A 359 -0.56 10.03 -10.73
CA LEU A 359 -1.91 10.13 -10.20
C LEU A 359 -1.91 10.75 -8.81
N MET A 360 -1.03 10.26 -7.91
CA MET A 360 -1.00 10.84 -6.57
C MET A 360 -0.63 12.33 -6.63
N GLN A 361 0.30 12.69 -7.50
CA GLN A 361 0.68 14.10 -7.59
C GLN A 361 -0.49 14.96 -8.06
N LYS A 362 -1.26 14.49 -9.05
CA LYS A 362 -2.43 15.25 -9.50
C LYS A 362 -3.46 15.37 -8.40
N ILE A 363 -3.61 14.32 -7.59
CA ILE A 363 -4.52 14.37 -6.46
C ILE A 363 -4.07 15.43 -5.47
N ARG A 364 -2.80 15.36 -5.07
CA ARG A 364 -2.26 16.35 -4.14
C ARG A 364 -2.44 17.77 -4.67
N ASP A 365 -2.07 18.01 -5.93
CA ASP A 365 -2.14 19.36 -6.47
C ASP A 365 -3.58 19.85 -6.55
N SER A 366 -4.49 18.96 -6.96
CA SER A 366 -5.87 19.38 -7.10
C SER A 366 -6.53 19.64 -5.75
N ILE A 367 -6.19 18.87 -4.71
CA ILE A 367 -6.68 19.20 -3.37
C ILE A 367 -6.14 20.55 -2.94
N SER A 368 -4.85 20.78 -3.15
N SER A 368 -4.85 20.78 -3.19
CA SER A 368 -4.25 22.05 -2.77
CA SER A 368 -4.22 22.04 -2.78
C SER A 368 -5.00 23.22 -3.39
C SER A 368 -4.90 23.23 -3.43
N GLU A 369 -5.37 23.08 -4.66
CA GLU A 369 -6.03 24.14 -5.42
C GLU A 369 -7.53 24.16 -5.20
N GLY A 370 -8.07 23.23 -4.43
CA GLY A 370 -9.50 23.21 -4.21
C GLY A 370 -10.32 22.78 -5.42
N ARG A 371 -9.75 21.94 -6.28
CA ARG A 371 -10.45 21.46 -7.47
C ARG A 371 -10.34 19.94 -7.58
N PHE A 372 -10.25 19.25 -6.45
CA PHE A 372 -10.11 17.80 -6.48
C PHE A 372 -11.44 17.13 -6.83
N SER A 373 -12.56 17.66 -6.33
CA SER A 373 -13.83 17.06 -6.69
C SER A 373 -13.99 17.07 -8.21
N GLN A 374 -13.63 18.17 -8.84
CA GLN A 374 -13.72 18.25 -10.29
C GLN A 374 -12.74 17.29 -10.95
N PHE A 375 -11.51 17.23 -10.41
CA PHE A 375 -10.53 16.29 -10.95
C PHE A 375 -11.07 14.88 -10.91
N ALA A 376 -11.71 14.51 -9.81
CA ALA A 376 -12.20 13.13 -9.67
C ALA A 376 -13.27 12.84 -10.71
N GLN A 377 -14.18 13.79 -10.94
CA GLN A 377 -15.21 13.58 -11.96
C GLN A 377 -14.57 13.48 -13.35
N ASP A 378 -13.66 14.40 -13.67
CA ASP A 378 -13.00 14.37 -14.97
C ASP A 378 -12.21 13.07 -15.15
N PHE A 379 -11.51 12.66 -14.09
CA PHE A 379 -10.74 11.42 -14.13
C PHE A 379 -11.63 10.23 -14.47
N ARG A 380 -12.74 10.06 -13.75
CA ARG A 380 -13.60 8.91 -13.99
C ARG A 380 -14.19 8.93 -15.39
N ALA A 381 -14.64 10.11 -15.84
CA ALA A 381 -15.24 10.20 -17.16
C ALA A 381 -14.28 9.70 -18.23
N ARG A 382 -13.02 10.12 -18.14
CA ARG A 382 -12.04 9.70 -19.13
C ARG A 382 -11.57 8.27 -18.91
N TYR A 383 -11.31 7.89 -17.68
CA TYR A 383 -10.76 6.57 -17.41
C TYR A 383 -11.71 5.47 -17.86
N PHE A 384 -12.99 5.71 -17.69
CA PHE A 384 -13.97 4.68 -18.01
C PHE A 384 -14.50 4.76 -19.41
N ALA A 385 -14.30 5.88 -20.11
CA ALA A 385 -14.64 5.95 -21.52
C ALA A 385 -13.70 5.06 -22.34
N ARG A 386 -12.44 4.95 -21.91
CA ARG A 386 -11.44 4.06 -22.52
C ARG A 386 -11.12 4.43 -23.98
N ASN A 387 -11.04 5.73 -24.29
CA ASN A 387 -10.60 6.14 -25.63
C ASN A 387 -9.08 6.21 -25.63
N SER A 388 -8.45 5.04 -25.70
CA SER A 388 -7.00 4.94 -25.61
C SER A 388 -6.31 4.92 -26.97
#